data_3RZM
#
_entry.id   3RZM
#
_cell.length_a   75.050
_cell.length_b   75.050
_cell.length_c   169.710
_cell.angle_alpha   90.00
_cell.angle_beta   90.00
_cell.angle_gamma   90.00
#
_symmetry.space_group_name_H-M   'P 41 21 2'
#
loop_
_entity.id
_entity.type
_entity.pdbx_description
1 polymer 'Alpha-ketoglutarate-dependent dioxygenase alkB homolog 2'
2 polymer "5'-D(*AP*TP*GP*TP*AP*TP*AP*AP*CP*TP*GP*CP*G)-3'"
3 polymer "5'-D(*TP*CP*GP*CP*AP*GP*TP*TP*AP*TP*AP*CP*A)-3'"
4 non-polymer propane-1-thiol
#
loop_
_entity_poly.entity_id
_entity_poly.type
_entity_poly.pdbx_seq_one_letter_code
_entity_poly.pdbx_strand_id
1 'polypeptide(L)'
;HSWRHIRAEGLDSSYTVLFGKAEADEIFQELEKEVEYFTGALARVQVFGKWHSVPRKQATYGDAGLTYTFSGLTLSPKPW
IPVLERIRDHVSGVTGQTFNFVLINRYKDGSDHICEHRDDERELAPGSPIASVSFGASRDFVFRHKDSRGKSPSRRVAVV
RLPLAHGSLLMMNHPTNTHWYHSLPVRKKVLAPRVNLTFRKILLTA
;
A
2 'polydeoxyribonucleotide' (DA)(DT)(DG)(DT)(DA)(DT)(DA)(DA)(DC)(DT)(DG)(DC)(DG) B
3 'polydeoxyribonucleotide' (DT)(DC)(DG)(DC)(DA)(DG)(DT)(DT)(DA)(DT)(DA)(DC)(DA) C
#
# COMPACT_ATOMS: atom_id res chain seq x y z
N HIS A 1 -16.74 14.85 -7.19
CA HIS A 1 -15.85 13.78 -6.80
C HIS A 1 -15.09 13.21 -7.97
N SER A 2 -13.87 13.63 -8.18
CA SER A 2 -13.16 13.44 -9.42
C SER A 2 -11.99 12.49 -9.39
N TRP A 3 -11.73 11.84 -10.51
CA TRP A 3 -10.66 10.86 -10.65
C TRP A 3 -9.65 11.32 -11.68
N ARG A 4 -8.40 10.93 -11.48
CA ARG A 4 -7.38 11.06 -12.49
C ARG A 4 -7.02 9.67 -12.97
N HIS A 5 -6.99 9.48 -14.28
CA HIS A 5 -6.59 8.21 -14.86
C HIS A 5 -5.16 8.28 -15.34
N ILE A 6 -4.36 7.31 -14.89
CA ILE A 6 -2.95 7.25 -15.20
C ILE A 6 -2.73 6.17 -16.25
N ARG A 7 -2.20 6.55 -17.41
CA ARG A 7 -1.84 5.58 -18.43
C ARG A 7 -0.47 5.79 -19.06
N ALA A 8 0.26 4.69 -19.13
CA ALA A 8 1.49 4.56 -19.90
C ALA A 8 1.51 3.11 -20.34
N GLU A 9 2.45 2.72 -21.20
CA GLU A 9 2.43 1.37 -21.77
C GLU A 9 2.53 0.40 -20.60
N GLY A 10 1.46 -0.35 -20.38
CA GLY A 10 1.41 -1.41 -19.37
C GLY A 10 0.79 -0.95 -18.08
N LEU A 11 0.54 0.36 -17.98
CA LEU A 11 0.08 0.97 -16.74
C LEU A 11 -1.38 1.42 -16.82
N ASP A 12 -2.10 1.20 -15.72
CA ASP A 12 -3.48 1.65 -15.56
C ASP A 12 -3.74 1.94 -14.09
N SER A 13 -3.88 3.22 -13.74
CA SER A 13 -4.13 3.60 -12.37
C SER A 13 -5.15 4.72 -12.26
N SER A 14 -5.74 4.87 -11.07
CA SER A 14 -6.82 5.84 -10.89
C SER A 14 -6.72 6.50 -9.52
N TYR A 15 -6.20 7.72 -9.51
CA TYR A 15 -6.04 8.49 -8.28
C TYR A 15 -7.24 9.37 -8.02
N THR A 16 -7.64 9.44 -6.75
CA THR A 16 -8.74 10.31 -6.31
C THR A 16 -8.62 10.64 -4.83
N VAL A 17 -9.25 11.73 -4.42
CA VAL A 17 -9.33 12.07 -3.01
C VAL A 17 -10.65 11.58 -2.42
N LEU A 18 -10.61 10.40 -1.82
CA LEU A 18 -11.80 9.77 -1.25
C LEU A 18 -12.31 10.48 0.01
N PHE A 19 -11.39 10.95 0.84
CA PHE A 19 -11.74 11.53 2.14
C PHE A 19 -11.40 13.02 2.27
N GLY A 20 -12.37 13.78 2.79
CA GLY A 20 -12.14 15.19 3.12
C GLY A 20 -11.49 15.29 4.50
N LYS A 21 -10.99 16.48 4.84
CA LYS A 21 -10.33 16.71 6.13
C LYS A 21 -11.22 16.37 7.32
N ALA A 22 -12.54 16.51 7.12
CA ALA A 22 -13.54 16.13 8.12
C ALA A 22 -13.24 14.77 8.76
N GLU A 23 -13.18 13.73 7.94
CA GLU A 23 -13.05 12.37 8.44
C GLU A 23 -11.64 11.82 8.34
N ALA A 24 -10.89 12.22 7.31
CA ALA A 24 -9.53 11.73 7.13
C ALA A 24 -8.68 12.03 8.37
N ASP A 25 -8.82 13.23 8.93
CA ASP A 25 -8.17 13.61 10.18
C ASP A 25 -8.68 12.77 11.35
N GLU A 26 -9.99 12.64 11.47
CA GLU A 26 -10.61 11.81 12.50
C GLU A 26 -10.10 10.37 12.44
N ILE A 27 -10.01 9.84 11.23
CA ILE A 27 -9.55 8.47 11.00
C ILE A 27 -8.06 8.30 11.29
N PHE A 28 -7.26 9.27 10.84
CA PHE A 28 -5.81 9.25 11.09
C PHE A 28 -5.50 9.08 12.58
N GLN A 29 -6.20 9.84 13.43
CA GLN A 29 -6.04 9.75 14.87
C GLN A 29 -6.48 8.41 15.42
N GLU A 30 -7.55 7.86 14.84
CA GLU A 30 -8.09 6.55 15.23
C GLU A 30 -7.17 5.41 14.80
N LEU A 31 -6.40 5.64 13.73
CA LEU A 31 -5.40 4.70 13.26
C LEU A 31 -4.20 4.65 14.20
N GLU A 32 -3.74 5.83 14.61
CA GLU A 32 -2.59 5.95 15.51
C GLU A 32 -2.84 5.29 16.86
N LYS A 33 -4.07 5.42 17.36
CA LYS A 33 -4.49 4.76 18.58
C LYS A 33 -4.41 3.24 18.49
N GLU A 34 -4.98 2.68 17.41
CA GLU A 34 -5.37 1.26 17.39
C GLU A 34 -4.42 0.29 16.67
N VAL A 35 -3.75 0.75 15.63
CA VAL A 35 -2.91 -0.12 14.81
C VAL A 35 -1.69 -0.61 15.59
N GLU A 36 -1.51 -1.93 15.66
CA GLU A 36 -0.33 -2.52 16.28
C GLU A 36 0.62 -3.01 15.20
N TYR A 37 1.82 -2.45 15.16
CA TYR A 37 2.81 -2.82 14.16
C TYR A 37 3.68 -3.99 14.61
N PHE A 38 4.42 -4.56 13.65
CA PHE A 38 5.36 -5.62 13.96
C PHE A 38 6.63 -5.02 14.52
N THR A 39 7.26 -5.74 15.45
CA THR A 39 8.48 -5.29 16.11
C THR A 39 9.53 -6.39 16.08
N GLY A 40 10.79 -5.98 15.98
CA GLY A 40 11.93 -6.89 16.11
C GLY A 40 12.05 -7.89 14.99
N ALA A 41 11.87 -9.17 15.33
CA ALA A 41 12.13 -10.26 14.41
C ALA A 41 11.10 -10.34 13.28
N LEU A 42 9.89 -9.89 13.56
CA LEU A 42 8.81 -9.91 12.57
C LEU A 42 8.80 -8.68 11.67
N ALA A 43 9.64 -7.71 11.98
CA ALA A 43 9.77 -6.52 11.16
C ALA A 43 11.04 -6.57 10.32
N ARG A 44 11.37 -7.76 9.84
CA ARG A 44 12.61 -7.97 9.09
C ARG A 44 12.38 -8.65 7.75
N VAL A 45 13.31 -8.42 6.81
CA VAL A 45 13.19 -8.94 5.45
C VAL A 45 14.53 -9.45 4.94
N GLN A 46 14.48 -10.37 3.98
CA GLN A 46 15.69 -10.84 3.31
C GLN A 46 15.71 -10.39 1.85
N VAL A 47 16.57 -9.41 1.57
CA VAL A 47 16.72 -8.83 0.24
C VAL A 47 18.20 -8.85 -0.11
N PHE A 48 18.53 -9.42 -1.27
CA PHE A 48 19.90 -9.57 -1.74
C PHE A 48 20.80 -10.30 -0.75
N GLY A 49 20.25 -11.31 -0.08
CA GLY A 49 21.03 -12.23 0.74
C GLY A 49 21.30 -11.82 2.19
N LYS A 50 20.86 -10.61 2.56
CA LYS A 50 21.02 -10.12 3.93
C LYS A 50 19.65 -9.86 4.55
N TRP A 51 19.56 -10.04 5.87
CA TRP A 51 18.40 -9.56 6.61
C TRP A 51 18.59 -8.09 6.98
N HIS A 52 17.57 -7.28 6.74
CA HIS A 52 17.52 -5.92 7.24
C HIS A 52 16.21 -5.76 7.99
N SER A 53 16.09 -4.64 8.71
CA SER A 53 14.82 -4.25 9.29
C SER A 53 14.27 -3.07 8.51
N VAL A 54 12.97 -3.10 8.29
CA VAL A 54 12.29 -2.14 7.43
C VAL A 54 12.42 -0.69 7.93
N PRO A 55 12.94 0.21 7.07
CA PRO A 55 12.97 1.63 7.42
C PRO A 55 11.57 2.23 7.53
N ARG A 56 10.75 1.66 8.40
CA ARG A 56 9.36 2.08 8.60
C ARG A 56 8.72 1.19 9.66
N LYS A 57 7.38 1.18 9.72
CA LYS A 57 6.68 0.23 10.56
C LYS A 57 5.55 -0.43 9.77
N GLN A 58 5.48 -1.75 9.86
CA GLN A 58 4.56 -2.55 9.07
C GLN A 58 3.58 -3.33 9.91
N ALA A 59 2.44 -3.64 9.31
CA ALA A 59 1.48 -4.52 9.90
C ALA A 59 0.71 -5.18 8.77
N THR A 60 0.08 -6.31 9.09
CA THR A 60 -0.82 -6.97 8.18
C THR A 60 -2.12 -7.26 8.92
N TYR A 61 -3.22 -7.13 8.23
CA TYR A 61 -4.53 -7.44 8.76
C TYR A 61 -5.32 -8.15 7.68
N GLY A 62 -6.28 -8.97 8.07
CA GLY A 62 -7.11 -9.69 7.10
C GLY A 62 -8.17 -10.60 7.69
N ASP A 63 -8.90 -11.28 6.80
CA ASP A 63 -9.85 -12.34 7.17
C ASP A 63 -9.08 -13.50 7.79
N ALA A 64 -9.77 -14.32 8.56
CA ALA A 64 -9.13 -15.47 9.21
C ALA A 64 -8.90 -16.61 8.22
N GLY A 65 -7.72 -17.23 8.31
CA GLY A 65 -7.40 -18.40 7.49
C GLY A 65 -6.40 -18.14 6.38
N LEU A 66 -5.79 -16.96 6.41
CA LEU A 66 -4.86 -16.55 5.36
C LEU A 66 -3.42 -16.54 5.86
N THR A 67 -2.48 -16.56 4.90
CA THR A 67 -1.08 -16.30 5.18
C THR A 67 -0.52 -15.38 4.10
N TYR A 68 0.48 -14.58 4.46
CA TYR A 68 1.13 -13.70 3.47
C TYR A 68 2.65 -13.67 3.60
N THR A 69 3.33 -14.14 2.55
CA THR A 69 4.78 -14.03 2.46
C THR A 69 5.16 -12.60 2.11
N PHE A 70 5.91 -11.95 2.99
CA PHE A 70 6.50 -10.66 2.69
C PHE A 70 8.02 -10.78 2.75
N SER A 71 8.65 -10.77 1.56
CA SER A 71 10.09 -10.88 1.40
C SER A 71 10.78 -11.96 2.25
N GLY A 72 10.34 -13.20 2.08
CA GLY A 72 10.91 -14.35 2.76
C GLY A 72 10.50 -14.47 4.22
N LEU A 73 9.29 -14.01 4.53
CA LEU A 73 8.78 -14.05 5.90
C LEU A 73 7.26 -14.12 5.90
N THR A 74 6.75 -15.27 6.36
CA THR A 74 5.33 -15.61 6.26
C THR A 74 4.62 -15.55 7.60
N LEU A 75 3.59 -14.72 7.70
CA LEU A 75 2.79 -14.63 8.92
C LEU A 75 1.33 -14.83 8.59
N SER A 76 0.51 -14.98 9.62
CA SER A 76 -0.93 -14.83 9.48
C SER A 76 -1.34 -13.42 9.89
N PRO A 77 -2.10 -12.72 9.03
CA PRO A 77 -2.62 -11.38 9.31
C PRO A 77 -3.47 -11.36 10.57
N LYS A 78 -3.44 -10.22 11.27
CA LYS A 78 -4.24 -10.02 12.47
C LYS A 78 -5.70 -9.78 12.07
N PRO A 79 -6.65 -10.22 12.92
CA PRO A 79 -8.06 -10.02 12.57
C PRO A 79 -8.41 -8.54 12.43
N TRP A 80 -9.44 -8.24 11.65
CA TRP A 80 -9.85 -6.85 11.42
C TRP A 80 -10.17 -6.14 12.74
N ILE A 81 -10.01 -4.81 12.72
CA ILE A 81 -10.48 -3.96 13.81
C ILE A 81 -11.47 -2.93 13.24
N PRO A 82 -12.37 -2.39 14.10
CA PRO A 82 -13.50 -1.54 13.67
C PRO A 82 -13.16 -0.43 12.67
N VAL A 83 -11.99 0.18 12.83
CA VAL A 83 -11.57 1.28 11.95
C VAL A 83 -11.19 0.80 10.55
N LEU A 84 -10.54 -0.36 10.47
CA LEU A 84 -10.13 -0.94 9.20
C LEU A 84 -11.34 -1.41 8.39
N GLU A 85 -12.33 -1.99 9.07
CA GLU A 85 -13.61 -2.32 8.46
C GLU A 85 -14.28 -1.04 7.98
N ARG A 86 -14.32 -0.03 8.85
CA ARG A 86 -14.93 1.27 8.53
C ARG A 86 -14.39 1.85 7.23
N ILE A 87 -13.07 1.81 7.05
CA ILE A 87 -12.44 2.26 5.81
C ILE A 87 -12.79 1.32 4.65
N ARG A 88 -12.47 0.03 4.79
CA ARG A 88 -12.68 -0.94 3.72
C ARG A 88 -14.09 -0.86 3.15
N ASP A 89 -15.08 -0.75 4.04
CA ASP A 89 -16.48 -0.61 3.64
C ASP A 89 -16.73 0.60 2.73
N HIS A 90 -16.05 1.70 3.02
CA HIS A 90 -16.16 2.91 2.21
C HIS A 90 -15.51 2.71 0.83
N VAL A 91 -14.28 2.23 0.80
CA VAL A 91 -13.61 1.90 -0.46
C VAL A 91 -14.47 0.93 -1.28
N SER A 92 -14.90 -0.16 -0.67
CA SER A 92 -15.69 -1.17 -1.37
C SER A 92 -17.02 -0.65 -1.91
N GLY A 93 -17.74 0.12 -1.11
CA GLY A 93 -19.04 0.67 -1.52
C GLY A 93 -18.92 1.68 -2.65
N VAL A 94 -17.70 2.14 -2.90
CA VAL A 94 -17.41 3.16 -3.92
C VAL A 94 -16.76 2.57 -5.17
N THR A 95 -15.88 1.57 -4.99
CA THR A 95 -15.15 0.95 -6.09
C THR A 95 -15.80 -0.34 -6.57
N GLY A 96 -16.85 -0.77 -5.86
CA GLY A 96 -17.51 -2.05 -6.13
C GLY A 96 -16.53 -3.19 -6.05
N GLN A 97 -15.55 -3.07 -5.15
CA GLN A 97 -14.45 -4.02 -5.08
C GLN A 97 -14.20 -4.48 -3.66
N THR A 98 -14.20 -5.80 -3.47
CA THR A 98 -14.01 -6.40 -2.15
C THR A 98 -12.55 -6.79 -1.89
N PHE A 99 -12.16 -6.76 -0.61
CA PHE A 99 -10.79 -7.12 -0.19
C PHE A 99 -10.79 -7.95 1.09
N ASN A 100 -9.85 -8.89 1.19
CA ASN A 100 -9.73 -9.73 2.38
C ASN A 100 -8.47 -9.48 3.21
N PHE A 101 -7.60 -8.60 2.72
CA PHE A 101 -6.27 -8.41 3.28
C PHE A 101 -5.76 -6.98 3.06
N VAL A 102 -5.07 -6.45 4.06
CA VAL A 102 -4.46 -5.14 3.94
C VAL A 102 -3.07 -5.11 4.56
N LEU A 103 -2.15 -4.42 3.91
CA LEU A 103 -0.79 -4.27 4.39
C LEU A 103 -0.57 -2.81 4.78
N ILE A 104 -0.29 -2.56 6.06
CA ILE A 104 -0.19 -1.20 6.61
C ILE A 104 1.25 -0.72 6.82
N ASN A 105 1.56 0.49 6.38
CA ASN A 105 2.89 1.07 6.55
C ASN A 105 2.83 2.46 7.18
N ARG A 106 3.50 2.62 8.32
CA ARG A 106 3.68 3.94 8.90
C ARG A 106 5.08 4.46 8.62
N TYR A 107 5.15 5.71 8.18
CA TYR A 107 6.41 6.38 7.93
C TYR A 107 6.52 7.59 8.87
N LYS A 108 7.40 7.52 9.86
CA LYS A 108 7.48 8.55 10.89
C LYS A 108 7.86 9.94 10.33
N ASP A 109 8.66 9.94 9.26
CA ASP A 109 9.06 11.17 8.58
C ASP A 109 9.60 10.85 7.19
N GLY A 110 10.08 11.88 6.50
CA GLY A 110 10.54 11.76 5.11
C GLY A 110 11.71 10.82 4.78
N SER A 111 12.33 10.22 5.79
CA SER A 111 13.41 9.25 5.54
C SER A 111 13.00 7.81 5.85
N ASP A 112 11.89 7.65 6.56
CA ASP A 112 11.17 6.39 6.61
C ASP A 112 10.60 6.18 5.21
N HIS A 113 11.00 5.10 4.55
CA HIS A 113 10.62 4.88 3.15
C HIS A 113 10.47 3.40 2.82
N ILE A 114 10.27 3.11 1.54
CA ILE A 114 10.11 1.75 1.04
C ILE A 114 10.78 1.64 -0.32
N CYS A 115 11.24 0.45 -0.63
CA CYS A 115 12.06 0.24 -1.82
C CYS A 115 11.30 -0.33 -3.01
N GLU A 116 11.87 -0.10 -4.19
CA GLU A 116 11.37 -0.55 -5.49
C GLU A 116 10.85 -2.01 -5.39
N HIS A 117 9.57 -2.19 -5.72
CA HIS A 117 8.95 -3.51 -5.66
C HIS A 117 7.96 -3.78 -6.80
N ARG A 118 8.06 -4.96 -7.39
CA ARG A 118 7.07 -5.44 -8.35
C ARG A 118 5.99 -6.23 -7.64
N ASP A 119 4.74 -5.90 -7.91
CA ASP A 119 3.61 -6.67 -7.37
C ASP A 119 3.48 -8.04 -8.01
N ASP A 120 4.34 -8.32 -8.99
CA ASP A 120 4.44 -9.62 -9.64
C ASP A 120 4.19 -10.60 -8.49
N GLU A 121 3.08 -11.30 -8.55
CA GLU A 121 2.70 -12.26 -7.53
C GLU A 121 1.55 -13.10 -8.10
N ARG A 122 1.50 -14.35 -7.66
CA ARG A 122 0.38 -15.24 -7.91
C ARG A 122 -0.43 -15.40 -6.63
N GLU A 123 -0.08 -14.63 -5.61
CA GLU A 123 -0.80 -14.67 -4.33
C GLU A 123 -2.11 -13.87 -4.38
N LEU A 124 -2.24 -13.03 -5.40
CA LEU A 124 -3.46 -12.25 -5.59
C LEU A 124 -4.51 -13.01 -6.38
N ALA A 125 -5.78 -12.64 -6.17
CA ALA A 125 -6.93 -13.22 -6.87
C ALA A 125 -6.78 -13.06 -8.40
N PRO A 126 -7.51 -13.89 -9.19
CA PRO A 126 -7.08 -14.07 -10.60
C PRO A 126 -7.02 -12.75 -11.38
N GLY A 127 -8.14 -12.02 -11.42
CA GLY A 127 -8.18 -10.67 -11.98
C GLY A 127 -8.79 -9.76 -10.94
N SER A 128 -7.93 -8.95 -10.30
CA SER A 128 -8.34 -8.12 -9.16
C SER A 128 -7.38 -6.95 -8.98
N PRO A 129 -7.86 -5.84 -8.40
CA PRO A 129 -7.03 -4.65 -8.26
C PRO A 129 -6.38 -4.53 -6.88
N ILE A 130 -5.66 -3.44 -6.67
CA ILE A 130 -5.03 -3.13 -5.39
C ILE A 130 -5.31 -1.67 -5.05
N ALA A 131 -6.00 -1.45 -3.95
CA ALA A 131 -6.38 -0.11 -3.53
C ALA A 131 -5.40 0.44 -2.50
N SER A 132 -4.68 1.50 -2.85
CA SER A 132 -3.74 2.16 -1.95
C SER A 132 -4.31 3.44 -1.35
N VAL A 133 -4.50 3.43 -0.04
CA VAL A 133 -5.06 4.58 0.66
C VAL A 133 -4.00 5.23 1.53
N SER A 134 -4.01 6.56 1.60
CA SER A 134 -2.99 7.31 2.34
C SER A 134 -3.59 8.32 3.30
N PHE A 135 -2.93 8.51 4.43
CA PHE A 135 -3.37 9.46 5.44
C PHE A 135 -2.16 10.15 6.04
N GLY A 136 -2.26 11.45 6.24
CA GLY A 136 -1.18 12.23 6.83
C GLY A 136 -0.38 13.02 5.82
N ALA A 137 0.94 12.90 5.88
CA ALA A 137 1.84 13.67 5.05
C ALA A 137 1.73 13.31 3.57
N SER A 138 1.69 14.33 2.72
CA SER A 138 1.68 14.14 1.28
C SER A 138 3.07 13.74 0.81
N ARG A 139 3.16 12.57 0.18
CA ARG A 139 4.45 12.01 -0.18
C ARG A 139 4.42 11.47 -1.61
N ASP A 140 5.58 11.50 -2.27
CA ASP A 140 5.70 11.08 -3.66
C ASP A 140 5.73 9.55 -3.83
N PHE A 141 4.92 9.07 -4.77
CA PHE A 141 4.90 7.66 -5.17
C PHE A 141 5.52 7.56 -6.54
N VAL A 142 6.34 6.53 -6.77
CA VAL A 142 7.08 6.45 -8.02
C VAL A 142 6.87 5.11 -8.73
N PHE A 143 6.61 5.20 -10.04
CA PHE A 143 6.56 4.05 -10.93
C PHE A 143 7.72 4.07 -11.91
N ARG A 144 8.54 3.04 -11.87
CA ARG A 144 9.61 2.86 -12.86
C ARG A 144 9.38 1.61 -13.70
N HIS A 145 9.77 1.69 -14.98
CA HIS A 145 9.67 0.57 -15.92
C HIS A 145 11.04 -0.10 -16.08
N LYS A 146 11.04 -1.44 -16.07
CA LYS A 146 12.25 -2.28 -16.03
C LYS A 146 13.37 -1.89 -17.03
N ASP A 147 13.00 -1.62 -18.28
CA ASP A 147 13.97 -1.40 -19.36
C ASP A 147 14.67 -0.04 -19.26
N SER A 154 17.10 -0.65 -22.43
CA SER A 154 16.61 -1.28 -23.65
C SER A 154 15.83 -0.28 -24.52
N ARG A 155 14.92 0.45 -23.88
CA ARG A 155 14.18 1.55 -24.52
C ARG A 155 13.91 2.66 -23.49
N ARG A 156 13.69 3.88 -23.97
CA ARG A 156 13.49 5.03 -23.09
C ARG A 156 12.05 5.55 -23.08
N VAL A 157 11.29 5.13 -22.08
CA VAL A 157 9.96 5.67 -21.79
C VAL A 157 9.89 6.06 -20.31
N ALA A 158 9.17 7.15 -20.02
CA ALA A 158 9.32 7.90 -18.77
C ALA A 158 8.77 7.27 -17.48
N VAL A 159 8.94 8.00 -16.38
CA VAL A 159 8.73 7.57 -15.00
C VAL A 159 7.51 8.32 -14.47
N VAL A 160 6.67 7.67 -13.69
CA VAL A 160 5.44 8.30 -13.23
C VAL A 160 5.46 8.67 -11.73
N ARG A 161 5.76 9.94 -11.44
CA ARG A 161 5.76 10.44 -10.07
C ARG A 161 4.37 10.90 -9.67
N LEU A 162 4.02 10.71 -8.41
CA LEU A 162 2.65 10.93 -7.97
C LEU A 162 2.59 11.36 -6.51
N PRO A 163 2.14 12.61 -6.25
CA PRO A 163 1.89 13.04 -4.88
C PRO A 163 0.59 12.44 -4.31
N LEU A 164 0.72 11.58 -3.30
CA LEU A 164 -0.41 10.96 -2.64
C LEU A 164 -0.80 11.75 -1.40
N ALA A 165 -1.96 12.41 -1.47
CA ALA A 165 -2.35 13.37 -0.44
C ALA A 165 -3.11 12.74 0.72
N HIS A 166 -3.22 13.50 1.81
CA HIS A 166 -4.01 13.10 2.98
C HIS A 166 -5.43 12.74 2.56
N GLY A 167 -5.77 11.46 2.70
CA GLY A 167 -7.12 10.99 2.44
C GLY A 167 -7.38 10.43 1.05
N SER A 168 -6.31 10.23 0.28
CA SER A 168 -6.44 9.85 -1.11
C SER A 168 -6.34 8.35 -1.39
N LEU A 169 -7.13 7.91 -2.37
CA LEU A 169 -7.14 6.53 -2.85
C LEU A 169 -6.44 6.41 -4.19
N LEU A 170 -5.50 5.47 -4.29
CA LEU A 170 -4.89 5.11 -5.56
C LEU A 170 -5.31 3.70 -5.89
N MET A 171 -5.80 3.49 -7.11
CA MET A 171 -6.24 2.18 -7.58
C MET A 171 -5.32 1.66 -8.66
N MET A 172 -4.77 0.47 -8.45
CA MET A 172 -3.85 -0.13 -9.40
C MET A 172 -4.34 -1.51 -9.80
N ASN A 173 -4.17 -1.86 -11.06
CA ASN A 173 -4.57 -3.17 -11.54
C ASN A 173 -3.38 -4.07 -11.56
N HIS A 174 -3.61 -5.31 -11.19
CA HIS A 174 -2.50 -6.16 -10.83
C HIS A 174 -1.63 -6.59 -11.99
N PRO A 175 -1.83 -6.42 -13.54
CA PRO A 175 -1.16 -7.11 -14.65
C PRO A 175 -0.13 -8.12 -14.13
N THR A 176 -0.49 -9.08 -15.31
CA THR A 176 0.21 -10.36 -15.24
C THR A 176 1.54 -10.30 -15.97
N ASN A 177 1.77 -9.21 -16.69
CA ASN A 177 3.00 -9.02 -17.44
C ASN A 177 3.38 -7.54 -17.53
N THR A 178 4.03 -7.03 -16.49
CA THR A 178 4.45 -5.64 -16.45
C THR A 178 5.68 -5.46 -15.57
N HIS A 179 6.62 -4.65 -16.04
CA HIS A 179 7.85 -4.40 -15.30
C HIS A 179 7.76 -3.12 -14.49
N TRP A 180 6.53 -2.68 -14.23
CA TRP A 180 6.31 -1.50 -13.48
C TRP A 180 6.58 -1.82 -12.04
N TYR A 181 7.61 -1.18 -11.52
CA TYR A 181 8.06 -1.27 -10.14
C TYR A 181 7.54 -0.06 -9.38
N HIS A 182 7.19 -0.24 -8.11
CA HIS A 182 6.77 0.91 -7.30
C HIS A 182 7.50 1.09 -5.98
N SER A 183 8.14 2.25 -5.84
CA SER A 183 8.76 2.66 -4.60
C SER A 183 8.05 3.88 -4.05
N LEU A 184 8.36 4.22 -2.81
CA LEU A 184 8.04 5.51 -2.24
C LEU A 184 9.33 6.06 -1.64
N PRO A 185 10.09 6.83 -2.44
CA PRO A 185 11.45 7.21 -2.11
C PRO A 185 11.56 8.14 -0.90
N VAL A 186 12.80 8.42 -0.49
CA VAL A 186 13.10 9.32 0.61
C VAL A 186 12.86 10.75 0.16
N ARG A 187 12.12 11.50 0.98
CA ARG A 187 11.93 12.94 0.80
C ARG A 187 12.34 13.63 2.11
N LYS A 188 13.63 13.88 2.24
CA LYS A 188 14.21 14.43 3.48
C LYS A 188 13.45 15.62 4.05
N LYS A 189 12.94 16.48 3.16
CA LYS A 189 12.25 17.70 3.57
C LYS A 189 10.91 17.46 4.29
N VAL A 190 10.38 16.24 4.22
CA VAL A 190 9.13 15.92 4.89
C VAL A 190 9.38 15.57 6.34
N LEU A 191 8.49 16.02 7.23
CA LEU A 191 8.69 15.86 8.68
C LEU A 191 7.50 15.24 9.43
N ALA A 192 6.31 15.29 8.83
CA ALA A 192 5.11 14.70 9.44
C ALA A 192 5.07 13.17 9.27
N PRO A 193 4.25 12.47 10.07
CA PRO A 193 4.06 11.04 9.82
C PRO A 193 3.11 10.72 8.64
N ARG A 194 3.23 9.52 8.09
CA ARG A 194 2.31 9.04 7.04
C ARG A 194 1.93 7.57 7.24
N VAL A 195 0.62 7.29 7.21
CA VAL A 195 0.12 5.91 7.24
C VAL A 195 -0.44 5.57 5.86
N ASN A 196 -0.20 4.33 5.42
CA ASN A 196 -0.57 3.90 4.08
C ASN A 196 -1.02 2.46 4.05
N LEU A 197 -2.27 2.25 3.66
CA LEU A 197 -2.88 0.93 3.66
C LEU A 197 -3.15 0.48 2.24
N THR A 198 -2.48 -0.58 1.80
CA THR A 198 -2.80 -1.15 0.50
C THR A 198 -3.63 -2.42 0.70
N PHE A 199 -4.84 -2.40 0.16
CA PHE A 199 -5.76 -3.53 0.26
C PHE A 199 -5.57 -4.47 -0.92
N ARG A 200 -5.77 -5.77 -0.68
CA ARG A 200 -5.58 -6.80 -1.69
C ARG A 200 -6.60 -7.90 -1.51
N LYS A 201 -6.84 -8.67 -2.57
CA LYS A 201 -7.65 -9.86 -2.49
C LYS A 201 -6.74 -11.07 -2.64
N ILE A 202 -6.61 -11.85 -1.57
CA ILE A 202 -5.66 -12.96 -1.47
C ILE A 202 -6.31 -14.31 -1.75
N LEU A 203 -5.49 -15.31 -2.09
CA LEU A 203 -5.98 -16.56 -2.68
C LEU A 203 -6.75 -17.55 -1.79
N LEU A 204 -6.52 -17.50 -0.48
CA LEU A 204 -7.00 -18.51 0.48
C LEU A 204 -6.39 -19.92 0.33
N THR A 205 -5.62 -20.10 -0.75
CA THR A 205 -4.84 -21.32 -1.03
C THR A 205 -3.57 -21.18 -0.18
N ALA A 206 -2.94 -20.00 -0.27
CA ALA A 206 -1.78 -19.62 0.54
C ALA A 206 -0.55 -20.52 0.30
#